data_4L33
#
_entry.id   4L33
#
_cell.length_a   91.680
_cell.length_b   97.940
_cell.length_c   118.440
_cell.angle_alpha   90.00
_cell.angle_beta   90.00
_cell.angle_gamma   90.00
#
_symmetry.space_group_name_H-M   'C 2 2 21'
#
loop_
_entity.id
_entity.type
_entity.pdbx_description
1 polymer Tankyrase-2
2 polymer Tankyrase-2
3 non-polymer 'ZINC ION'
4 non-polymer 'SULFATE ION'
5 non-polymer 'cyanomethyl 4-(4-oxo-4H-chromen-2-yl)benzoate'
6 non-polymer DI(HYDROXYETHYL)ETHER
7 non-polymer GLYCEROL
8 water water
#
loop_
_entity_poly.entity_id
_entity_poly.type
_entity_poly.pdbx_seq_one_letter_code
_entity_poly.pdbx_strand_id
1 'polypeptide(L)'
;MHHHHHHSSGVDLGTENLYFQSMLNTSGSGTILIDLSPDDKEFQSVEEEMQSTVREHRDGGHAGGIFNRYNILKIQKVCN
KKLWERYTHRRKEVSEENHNHANERMLFHGSPFVNAIIHKGFDERHAYIGGMFGAGIYFAENSSKSNQYVYGIGGGTGCP
VHKDRSCYICHRQLLFCRVTLGKSFLQFSAM
;
A,B
2 'polypeptide(L)' KMAHSPPGHHSVTGRPSVNGLALAEYVIYRGEQAYPEYLITYQIMRPEG C,D
#
loop_
_chem_comp.id
_chem_comp.type
_chem_comp.name
_chem_comp.formula
F70 non-polymer 'cyanomethyl 4-(4-oxo-4H-chromen-2-yl)benzoate' 'C18 H11 N O4'
GOL non-polymer GLYCEROL 'C3 H8 O3'
PEG non-polymer DI(HYDROXYETHYL)ETHER 'C4 H10 O3'
SO4 non-polymer 'SULFATE ION' 'O4 S -2'
ZN non-polymer 'ZINC ION' 'Zn 2'
#
# COMPACT_ATOMS: atom_id res chain seq x y z
N GLY A 30 -25.62 -1.43 -28.06
CA GLY A 30 -25.09 -0.24 -28.77
C GLY A 30 -23.59 -0.30 -29.08
N THR A 31 -22.85 -1.17 -28.42
CA THR A 31 -21.40 -1.15 -28.60
C THR A 31 -21.00 -1.97 -29.82
N ILE A 32 -20.13 -1.42 -30.64
CA ILE A 32 -19.50 -2.22 -31.65
C ILE A 32 -17.99 -2.11 -31.49
N LEU A 33 -17.29 -3.22 -31.73
CA LEU A 33 -15.85 -3.30 -31.63
C LEU A 33 -15.22 -3.33 -33.01
N ILE A 34 -14.39 -2.34 -33.31
CA ILE A 34 -13.63 -2.27 -34.55
C ILE A 34 -12.17 -2.71 -34.33
N ASP A 35 -11.76 -3.75 -35.04
CA ASP A 35 -10.39 -4.24 -35.00
C ASP A 35 -9.46 -3.29 -35.66
N LEU A 36 -8.30 -3.06 -35.07
CA LEU A 36 -7.31 -2.22 -35.71
C LEU A 36 -6.29 -3.14 -36.30
N SER A 37 -5.85 -2.84 -37.51
CA SER A 37 -4.72 -3.54 -38.10
C SER A 37 -3.45 -3.22 -37.32
N PRO A 38 -2.55 -4.19 -37.14
CA PRO A 38 -1.26 -3.85 -36.59
C PRO A 38 -0.41 -2.87 -37.44
N ASP A 39 -0.80 -2.63 -38.69
CA ASP A 39 -0.13 -1.70 -39.57
C ASP A 39 -0.57 -0.27 -39.29
N ASP A 40 -1.66 -0.11 -38.57
CA ASP A 40 -2.29 1.18 -38.29
C ASP A 40 -1.54 1.87 -37.14
N LYS A 41 -1.15 3.12 -37.38
CA LYS A 41 -0.37 3.90 -36.42
C LYS A 41 -1.05 4.00 -35.06
N GLU A 42 -2.37 3.86 -35.08
CA GLU A 42 -3.20 3.90 -33.91
C GLU A 42 -3.01 2.60 -33.12
N PHE A 43 -2.92 1.46 -33.82
CA PHE A 43 -2.58 0.18 -33.15
C PHE A 43 -1.21 0.36 -32.51
N GLN A 44 -0.26 0.91 -33.28
CA GLN A 44 1.13 1.00 -32.83
C GLN A 44 1.33 1.93 -31.64
N SER A 45 0.66 3.07 -31.61
CA SER A 45 0.83 3.99 -30.51
C SER A 45 0.21 3.41 -29.21
N VAL A 46 -0.94 2.72 -29.32
CA VAL A 46 -1.55 2.03 -28.18
C VAL A 46 -0.66 0.88 -27.68
N GLU A 47 -0.14 0.04 -28.59
CA GLU A 47 0.77 -1.03 -28.18
C GLU A 47 1.95 -0.45 -27.41
N GLU A 48 2.49 0.64 -27.92
CA GLU A 48 3.69 1.26 -27.33
C GLU A 48 3.43 1.81 -25.93
N GLU A 49 2.23 2.34 -25.69
CA GLU A 49 1.86 2.76 -24.34
C GLU A 49 1.70 1.57 -23.41
N MET A 50 1.19 0.48 -23.95
CA MET A 50 1.08 -0.78 -23.22
C MET A 50 2.47 -1.32 -22.79
N GLN A 51 3.42 -1.42 -23.73
CA GLN A 51 4.72 -2.07 -23.50
C GLN A 51 5.66 -1.18 -22.68
N SER A 52 5.64 0.11 -22.97
CA SER A 52 6.59 1.02 -22.37
C SER A 52 6.23 1.38 -20.95
N THR A 53 5.02 1.06 -20.48
CA THR A 53 4.63 1.42 -19.11
C THR A 53 4.60 0.18 -18.22
N VAL A 54 5.21 -0.90 -18.66
CA VAL A 54 5.46 -2.06 -17.76
C VAL A 54 6.55 -1.71 -16.74
N ARG A 55 6.36 -2.08 -15.49
CA ARG A 55 7.43 -1.96 -14.46
C ARG A 55 7.39 -3.20 -13.60
N GLU A 56 8.40 -3.38 -12.78
CA GLU A 56 8.37 -4.39 -11.73
C GLU A 56 7.49 -3.92 -10.58
N HIS A 57 6.88 -4.88 -9.90
CA HIS A 57 5.97 -4.62 -8.79
C HIS A 57 6.53 -5.15 -7.50
N ARG A 58 6.15 -4.47 -6.42
N ARG A 58 6.20 -4.48 -6.40
CA ARG A 58 6.60 -4.73 -5.06
CA ARG A 58 6.80 -4.80 -5.11
C ARG A 58 6.31 -6.16 -4.61
C ARG A 58 6.31 -6.17 -4.57
N ASP A 59 5.27 -6.75 -5.18
CA ASP A 59 4.84 -8.10 -4.80
C ASP A 59 5.63 -9.22 -5.49
N GLY A 60 6.68 -8.84 -6.22
CA GLY A 60 7.48 -9.77 -6.98
C GLY A 60 6.72 -10.52 -8.06
N GLY A 61 5.54 -10.03 -8.43
CA GLY A 61 4.70 -10.71 -9.42
C GLY A 61 3.51 -11.52 -8.89
N HIS A 62 3.37 -11.61 -7.57
CA HIS A 62 2.26 -12.35 -6.93
C HIS A 62 0.88 -12.09 -7.60
N ALA A 63 0.49 -10.82 -7.73
CA ALA A 63 -0.85 -10.48 -8.21
C ALA A 63 -1.02 -10.63 -9.70
N GLY A 64 -0.02 -10.17 -10.45
CA GLY A 64 -0.15 -9.98 -11.87
C GLY A 64 0.68 -10.94 -12.71
N GLY A 65 1.58 -11.69 -12.08
CA GLY A 65 2.53 -12.55 -12.80
C GLY A 65 3.90 -11.95 -13.04
N ILE A 66 4.82 -12.77 -13.52
CA ILE A 66 6.20 -12.35 -13.76
C ILE A 66 6.44 -12.16 -15.25
N PHE A 67 6.83 -10.96 -15.67
CA PHE A 67 6.96 -10.62 -17.08
C PHE A 67 7.55 -9.23 -17.21
N ASN A 68 8.17 -8.98 -18.35
CA ASN A 68 8.69 -7.67 -18.66
C ASN A 68 7.95 -7.02 -19.83
N ARG A 69 7.09 -7.79 -20.51
CA ARG A 69 6.43 -7.29 -21.70
C ARG A 69 5.30 -8.23 -22.07
N TYR A 70 4.45 -7.79 -22.98
CA TYR A 70 3.31 -8.55 -23.39
C TYR A 70 3.42 -9.01 -24.84
N ASN A 71 2.66 -10.07 -25.14
CA ASN A 71 2.30 -10.41 -26.50
C ASN A 71 0.92 -9.84 -26.84
N ILE A 72 0.90 -8.80 -27.67
CA ILE A 72 -0.35 -8.14 -28.01
C ILE A 72 -1.02 -8.93 -29.09
N LEU A 73 -2.22 -9.43 -28.79
CA LEU A 73 -2.99 -10.29 -29.66
C LEU A 73 -4.00 -9.49 -30.47
N LYS A 74 -4.60 -8.46 -29.89
CA LYS A 74 -5.63 -7.71 -30.59
C LYS A 74 -5.87 -6.36 -29.92
N ILE A 75 -6.15 -5.34 -30.73
CA ILE A 75 -6.57 -4.06 -30.21
C ILE A 75 -7.82 -3.65 -30.95
N GLN A 76 -8.89 -3.37 -30.20
CA GLN A 76 -10.17 -2.98 -30.74
C GLN A 76 -10.61 -1.61 -30.25
N LYS A 77 -11.09 -0.80 -31.18
CA LYS A 77 -11.70 0.47 -30.83
C LYS A 77 -13.13 0.19 -30.34
N VAL A 78 -13.49 0.76 -29.20
CA VAL A 78 -14.80 0.58 -28.61
C VAL A 78 -15.69 1.78 -29.03
N CYS A 79 -16.74 1.52 -29.80
CA CYS A 79 -17.61 2.58 -30.30
CA CYS A 79 -17.62 2.59 -30.33
C CYS A 79 -19.02 2.42 -29.78
N ASN A 80 -19.42 3.36 -28.94
CA ASN A 80 -20.79 3.43 -28.45
C ASN A 80 -21.17 4.90 -28.36
N LYS A 81 -22.17 5.27 -29.13
CA LYS A 81 -22.58 6.65 -29.24
C LYS A 81 -23.11 7.14 -27.90
N LYS A 82 -24.05 6.41 -27.32
CA LYS A 82 -24.59 6.78 -26.02
C LYS A 82 -23.54 6.93 -24.92
N LEU A 83 -22.59 6.01 -24.82
CA LEU A 83 -21.61 6.07 -23.75
C LEU A 83 -20.66 7.25 -23.97
N TRP A 84 -20.32 7.49 -25.25
CA TRP A 84 -19.47 8.61 -25.67
C TRP A 84 -20.05 9.98 -25.30
N GLU A 85 -21.33 10.16 -25.57
CA GLU A 85 -22.01 11.41 -25.32
C GLU A 85 -22.18 11.63 -23.84
N ARG A 86 -22.38 10.53 -23.13
CA ARG A 86 -22.39 10.58 -21.69
C ARG A 86 -21.04 11.07 -21.15
N TYR A 87 -19.95 10.49 -21.67
CA TYR A 87 -18.60 10.95 -21.35
C TYR A 87 -18.38 12.47 -21.66
N THR A 88 -18.69 12.89 -22.88
CA THR A 88 -18.39 14.27 -23.31
C THR A 88 -19.27 15.31 -22.61
N HIS A 89 -20.51 14.91 -22.27
CA HIS A 89 -21.40 15.76 -21.48
C HIS A 89 -20.76 16.08 -20.13
N ARG A 90 -20.29 15.04 -19.45
CA ARG A 90 -19.66 15.20 -18.17
C ARG A 90 -18.31 16.00 -18.31
N ARG A 91 -17.58 15.72 -19.37
CA ARG A 91 -16.31 16.37 -19.63
C ARG A 91 -16.49 17.88 -19.74
N LYS A 92 -17.56 18.30 -20.42
CA LYS A 92 -17.88 19.73 -20.49
C LYS A 92 -18.19 20.29 -19.11
N GLU A 93 -18.98 19.62 -18.29
CA GLU A 93 -19.27 20.13 -16.96
C GLU A 93 -17.99 20.36 -16.14
N VAL A 94 -17.08 19.40 -16.18
CA VAL A 94 -15.85 19.46 -15.45
C VAL A 94 -15.03 20.62 -15.98
N SER A 95 -14.91 20.68 -17.30
CA SER A 95 -14.11 21.71 -17.96
C SER A 95 -14.57 23.12 -17.54
N GLU A 96 -15.87 23.34 -17.54
CA GLU A 96 -16.42 24.62 -17.16
C GLU A 96 -16.25 24.94 -15.67
N GLU A 97 -16.10 23.92 -14.82
CA GLU A 97 -15.72 24.12 -13.40
C GLU A 97 -14.23 24.24 -13.18
N ASN A 98 -13.41 24.23 -14.24
CA ASN A 98 -11.96 24.17 -14.09
C ASN A 98 -11.28 24.97 -15.20
N HIS A 99 -11.68 26.24 -15.33
CA HIS A 99 -11.08 27.17 -16.33
C HIS A 99 -10.88 26.50 -17.69
N ASN A 100 -11.94 25.88 -18.18
CA ASN A 100 -11.94 25.21 -19.49
C ASN A 100 -10.83 24.16 -19.66
N HIS A 101 -10.56 23.42 -18.60
CA HIS A 101 -9.54 22.38 -18.61
C HIS A 101 -10.13 21.07 -18.07
N ALA A 102 -10.41 20.12 -18.96
CA ALA A 102 -10.90 18.77 -18.59
C ALA A 102 -9.81 17.98 -17.88
N ASN A 103 -8.55 18.28 -18.19
CA ASN A 103 -7.43 17.56 -17.64
C ASN A 103 -7.60 16.09 -17.97
N GLU A 104 -7.71 15.84 -19.26
CA GLU A 104 -8.00 14.53 -19.78
C GLU A 104 -6.72 13.68 -20.02
N ARG A 105 -6.76 12.45 -19.57
CA ARG A 105 -5.65 11.53 -19.75
C ARG A 105 -6.11 10.24 -20.44
N MET A 106 -5.13 9.50 -21.00
CA MET A 106 -5.33 8.12 -21.42
C MET A 106 -4.68 7.17 -20.40
N LEU A 107 -5.50 6.34 -19.76
CA LEU A 107 -5.07 5.53 -18.63
C LEU A 107 -5.63 4.14 -18.72
N PHE A 108 -4.95 3.18 -18.08
CA PHE A 108 -5.28 1.77 -18.18
C PHE A 108 -6.23 1.37 -17.06
N HIS A 109 -7.08 0.40 -17.35
CA HIS A 109 -7.98 -0.20 -16.37
C HIS A 109 -8.08 -1.68 -16.59
N GLY A 110 -7.85 -2.45 -15.53
CA GLY A 110 -7.96 -3.95 -15.57
C GLY A 110 -9.06 -4.41 -14.67
N SER A 111 -9.93 -5.29 -15.14
CA SER A 111 -11.09 -5.70 -14.34
C SER A 111 -11.73 -6.97 -14.80
N PRO A 112 -12.19 -7.81 -13.86
CA PRO A 112 -13.07 -8.91 -14.27
C PRO A 112 -14.31 -8.43 -15.02
N PHE A 113 -14.67 -7.15 -14.90
CA PHE A 113 -15.95 -6.70 -15.50
C PHE A 113 -15.78 -5.97 -16.84
N VAL A 114 -14.66 -6.22 -17.49
CA VAL A 114 -14.32 -5.53 -18.72
C VAL A 114 -15.42 -5.70 -19.80
N ASN A 115 -16.04 -6.87 -19.88
CA ASN A 115 -17.16 -7.06 -20.84
C ASN A 115 -18.40 -6.24 -20.50
N ALA A 116 -18.74 -6.09 -19.21
CA ALA A 116 -19.83 -5.18 -18.84
C ALA A 116 -19.51 -3.71 -19.08
N ILE A 117 -18.24 -3.34 -18.90
CA ILE A 117 -17.82 -1.96 -19.04
C ILE A 117 -17.95 -1.51 -20.48
N ILE A 118 -17.46 -2.30 -21.44
CA ILE A 118 -17.51 -1.89 -22.85
C ILE A 118 -18.94 -1.80 -23.41
N HIS A 119 -19.88 -2.56 -22.84
CA HIS A 119 -21.29 -2.53 -23.26
C HIS A 119 -22.18 -1.56 -22.48
N LYS A 120 -21.90 -1.39 -21.20
CA LYS A 120 -22.80 -0.60 -20.37
C LYS A 120 -22.16 0.64 -19.76
N GLY A 121 -20.84 0.80 -19.93
CA GLY A 121 -20.10 1.90 -19.33
C GLY A 121 -19.64 1.61 -17.90
N PHE A 122 -18.73 2.44 -17.39
CA PHE A 122 -18.37 2.42 -15.99
C PHE A 122 -19.52 2.93 -15.12
N ASP A 123 -19.78 2.25 -13.99
CA ASP A 123 -20.67 2.75 -12.94
C ASP A 123 -20.18 2.29 -11.53
N GLU A 124 -20.93 2.66 -10.50
N GLU A 124 -20.95 2.66 -10.51
CA GLU A 124 -20.53 2.36 -9.10
CA GLU A 124 -20.61 2.36 -9.10
C GLU A 124 -20.23 0.89 -8.80
C GLU A 124 -20.26 0.91 -8.79
N ARG A 125 -20.69 -0.03 -9.65
CA ARG A 125 -20.39 -1.45 -9.49
C ARG A 125 -19.00 -1.85 -9.97
N HIS A 126 -18.28 -0.93 -10.62
CA HIS A 126 -16.87 -1.13 -10.99
C HIS A 126 -15.90 -0.44 -10.01
N ALA A 127 -16.44 0.08 -8.88
CA ALA A 127 -15.70 0.84 -7.88
C ALA A 127 -14.91 -0.10 -7.01
N TYR A 128 -13.69 0.30 -6.66
CA TYR A 128 -12.85 -0.44 -5.75
C TYR A 128 -13.22 0.02 -4.32
N ILE A 129 -14.14 -0.71 -3.71
CA ILE A 129 -14.70 -0.35 -2.40
C ILE A 129 -13.56 -0.22 -1.40
N GLY A 130 -12.66 -1.19 -1.37
CA GLY A 130 -11.53 -1.12 -0.42
C GLY A 130 -10.28 -0.33 -0.85
N GLY A 131 -10.39 0.45 -1.91
CA GLY A 131 -9.23 1.20 -2.41
C GLY A 131 -8.72 2.22 -1.41
N MET A 132 -7.44 2.54 -1.53
CA MET A 132 -6.78 3.39 -0.56
C MET A 132 -7.18 4.83 -0.67
N PHE A 133 -7.77 5.23 -1.81
CA PHE A 133 -8.33 6.57 -1.93
C PHE A 133 -9.83 6.52 -1.95
N GLY A 134 -10.37 5.50 -1.31
CA GLY A 134 -11.82 5.42 -1.10
C GLY A 134 -12.48 4.71 -2.27
N ALA A 135 -13.79 4.59 -2.17
CA ALA A 135 -14.58 3.80 -3.10
C ALA A 135 -14.80 4.61 -4.37
N GLY A 136 -13.88 4.45 -5.30
CA GLY A 136 -14.05 5.03 -6.64
C GLY A 136 -13.54 4.05 -7.66
N ILE A 137 -13.45 4.50 -8.90
CA ILE A 137 -13.01 3.67 -10.01
C ILE A 137 -11.58 4.07 -10.30
N TYR A 138 -10.69 3.08 -10.32
CA TYR A 138 -9.25 3.32 -10.28
C TYR A 138 -8.64 3.09 -11.68
N PHE A 139 -7.67 3.92 -12.02
CA PHE A 139 -6.95 3.84 -13.30
C PHE A 139 -5.45 4.01 -13.09
N ALA A 140 -4.66 3.40 -13.97
CA ALA A 140 -3.19 3.43 -13.82
C ALA A 140 -2.50 3.94 -15.05
N GLU A 141 -1.43 4.73 -14.86
CA GLU A 141 -0.45 5.00 -15.93
C GLU A 141 0.38 3.77 -16.26
N ASN A 142 0.76 2.96 -15.26
CA ASN A 142 1.44 1.70 -15.55
C ASN A 142 0.49 0.59 -16.02
N SER A 143 0.63 0.10 -17.26
CA SER A 143 -0.21 -1.00 -17.71
C SER A 143 -0.10 -2.20 -16.80
N SER A 144 1.13 -2.47 -16.29
CA SER A 144 1.42 -3.63 -15.43
C SER A 144 0.66 -3.54 -14.08
N LYS A 145 0.40 -2.32 -13.63
CA LYS A 145 -0.43 -2.12 -12.45
C LYS A 145 -1.89 -2.58 -12.69
N SER A 146 -2.52 -2.08 -13.75
CA SER A 146 -3.85 -2.53 -14.14
C SER A 146 -3.87 -4.02 -14.42
N ASN A 147 -2.77 -4.56 -14.92
CA ASN A 147 -2.70 -5.99 -15.11
C ASN A 147 -2.98 -6.81 -13.84
N GLN A 148 -2.64 -6.26 -12.68
CA GLN A 148 -2.80 -6.96 -11.41
C GLN A 148 -4.27 -7.15 -11.02
N TYR A 149 -5.16 -6.46 -11.70
CA TYR A 149 -6.57 -6.49 -11.34
C TYR A 149 -7.47 -7.25 -12.30
N VAL A 150 -6.90 -7.72 -13.41
CA VAL A 150 -7.63 -8.36 -14.48
C VAL A 150 -8.44 -9.55 -14.00
N TYR A 151 -7.82 -10.33 -13.10
CA TYR A 151 -8.42 -11.51 -12.50
C TYR A 151 -8.98 -11.26 -11.11
N GLY A 152 -9.09 -9.99 -10.74
CA GLY A 152 -9.64 -9.60 -9.43
C GLY A 152 -8.63 -8.81 -8.61
N ILE A 153 -9.08 -8.30 -7.49
CA ILE A 153 -8.21 -7.62 -6.53
C ILE A 153 -7.08 -8.57 -6.13
N GLY A 154 -5.85 -8.08 -6.09
CA GLY A 154 -4.72 -8.98 -5.79
C GLY A 154 -4.62 -10.12 -6.82
N GLY A 155 -5.26 -9.97 -7.97
CA GLY A 155 -5.23 -11.05 -8.95
C GLY A 155 -6.12 -12.24 -8.67
N GLY A 156 -6.91 -12.19 -7.58
CA GLY A 156 -7.92 -13.20 -7.31
C GLY A 156 -7.25 -14.54 -7.20
N THR A 157 -7.80 -15.52 -7.92
CA THR A 157 -7.23 -16.86 -8.01
C THR A 157 -6.61 -17.12 -9.38
N GLY A 158 -6.23 -16.07 -10.08
CA GLY A 158 -5.58 -16.18 -11.40
C GLY A 158 -6.59 -16.54 -12.46
N CYS A 159 -6.09 -17.06 -13.57
CA CYS A 159 -6.94 -17.35 -14.71
C CYS A 159 -8.02 -18.36 -14.37
N PRO A 160 -9.21 -18.21 -14.97
CA PRO A 160 -10.26 -19.22 -14.85
C PRO A 160 -9.76 -20.64 -15.09
N VAL A 161 -8.95 -20.86 -16.12
CA VAL A 161 -8.62 -22.21 -16.57
C VAL A 161 -7.59 -22.90 -15.70
N HIS A 162 -6.48 -22.22 -15.40
CA HIS A 162 -5.36 -22.84 -14.70
C HIS A 162 -5.20 -22.36 -13.26
N LYS A 163 -6.06 -21.46 -12.80
CA LYS A 163 -5.91 -20.84 -11.49
C LYS A 163 -4.50 -20.32 -11.28
N ASP A 164 -3.94 -19.71 -12.33
CA ASP A 164 -2.57 -19.21 -12.29
C ASP A 164 -2.57 -17.68 -12.48
N ARG A 165 -2.19 -16.95 -11.44
CA ARG A 165 -2.04 -15.49 -11.55
C ARG A 165 -0.95 -15.11 -12.54
N SER A 166 0.00 -16.02 -12.76
CA SER A 166 1.09 -15.80 -13.71
C SER A 166 0.95 -16.58 -15.01
N CYS A 167 -0.27 -16.92 -15.38
CA CYS A 167 -0.49 -17.71 -16.58
C CYS A 167 0.06 -17.03 -17.81
N TYR A 168 0.88 -17.76 -18.55
CA TYR A 168 1.40 -17.28 -19.83
C TYR A 168 0.58 -17.73 -21.04
N ILE A 169 -0.43 -18.56 -20.79
CA ILE A 169 -1.25 -19.12 -21.88
C ILE A 169 -2.58 -18.35 -22.11
N CYS A 170 -3.30 -18.11 -21.03
CA CYS A 170 -4.63 -17.53 -21.15
C CYS A 170 -4.62 -16.06 -21.62
N HIS A 171 -5.62 -15.72 -22.44
CA HIS A 171 -5.77 -14.37 -23.00
C HIS A 171 -6.33 -13.46 -21.96
N ARG A 172 -5.67 -12.32 -21.77
CA ARG A 172 -6.13 -11.31 -20.84
C ARG A 172 -6.58 -10.07 -21.62
N GLN A 173 -7.38 -9.26 -20.96
CA GLN A 173 -7.90 -8.02 -21.56
C GLN A 173 -7.73 -6.82 -20.60
N LEU A 174 -7.19 -5.70 -21.09
CA LEU A 174 -7.17 -4.43 -20.38
C LEU A 174 -7.93 -3.42 -21.23
N LEU A 175 -8.36 -2.35 -20.58
CA LEU A 175 -8.92 -1.22 -21.26
C LEU A 175 -7.95 -0.07 -21.18
N PHE A 176 -7.77 0.61 -22.31
CA PHE A 176 -7.05 1.87 -22.35
C PHE A 176 -8.11 2.97 -22.53
N CYS A 177 -8.22 3.86 -21.55
CA CYS A 177 -9.41 4.71 -21.37
C CYS A 177 -9.13 6.21 -21.40
N ARG A 178 -10.10 6.98 -21.90
CA ARG A 178 -10.01 8.42 -21.86
C ARG A 178 -10.68 8.80 -20.55
N VAL A 179 -9.93 9.49 -19.67
CA VAL A 179 -10.37 9.78 -18.34
C VAL A 179 -10.27 11.29 -18.07
N THR A 180 -11.37 11.87 -17.58
CA THR A 180 -11.42 13.25 -17.22
C THR A 180 -11.06 13.40 -15.74
N LEU A 181 -9.98 14.11 -15.44
CA LEU A 181 -9.56 14.25 -14.03
C LEU A 181 -9.98 15.56 -13.41
N GLY A 182 -10.25 16.56 -14.24
CA GLY A 182 -10.41 17.93 -13.81
C GLY A 182 -9.38 18.31 -12.75
N LYS A 183 -9.84 19.05 -11.74
CA LYS A 183 -8.99 19.37 -10.59
C LYS A 183 -8.80 18.13 -9.75
N SER A 184 -7.57 17.63 -9.72
CA SER A 184 -7.33 16.38 -9.03
C SER A 184 -6.72 16.65 -7.65
N PHE A 185 -7.21 15.93 -6.64
CA PHE A 185 -6.67 16.02 -5.26
C PHE A 185 -5.39 15.17 -5.22
N LEU A 186 -4.27 15.80 -4.88
CA LEU A 186 -2.97 15.18 -4.88
C LEU A 186 -2.70 14.53 -3.53
N GLN A 187 -2.57 13.20 -3.53
CA GLN A 187 -2.31 12.43 -2.35
C GLN A 187 -0.91 11.84 -2.51
N PHE A 188 -0.01 12.20 -1.59
CA PHE A 188 1.34 11.63 -1.59
C PHE A 188 1.23 10.32 -0.83
N SER A 189 1.83 9.25 -1.32
CA SER A 189 1.55 7.96 -0.71
C SER A 189 2.56 6.88 -1.05
N ALA A 190 2.71 5.96 -0.10
CA ALA A 190 3.66 4.85 -0.20
C ALA A 190 3.54 4.06 -1.52
N MET B 2 -20.59 4.30 -4.17
CA MET B 2 -19.43 5.12 -4.51
C MET B 2 -19.31 6.33 -3.57
N ALA B 3 -18.08 6.64 -3.18
CA ALA B 3 -17.80 7.79 -2.34
C ALA B 3 -17.86 9.06 -3.21
N HIS B 4 -17.60 10.21 -2.60
CA HIS B 4 -17.53 11.45 -3.34
C HIS B 4 -16.09 11.89 -3.47
N SER B 5 -15.83 12.52 -4.60
CA SER B 5 -14.64 13.33 -4.83
C SER B 5 -14.43 14.21 -3.59
N PRO B 6 -13.17 14.57 -3.29
CA PRO B 6 -13.04 15.56 -2.21
C PRO B 6 -13.62 16.91 -2.65
N PRO B 7 -14.18 17.67 -1.70
CA PRO B 7 -14.76 18.98 -1.99
C PRO B 7 -13.80 19.86 -2.79
N GLY B 8 -14.31 20.51 -3.82
CA GLY B 8 -13.48 21.33 -4.73
C GLY B 8 -12.73 20.54 -5.81
N HIS B 9 -12.91 19.22 -5.88
CA HIS B 9 -12.10 18.36 -6.78
C HIS B 9 -12.94 17.39 -7.59
N HIS B 10 -12.41 16.95 -8.73
CA HIS B 10 -13.14 16.03 -9.61
C HIS B 10 -12.54 14.60 -9.64
N SER B 11 -11.45 14.41 -8.91
CA SER B 11 -10.72 13.17 -8.92
C SER B 11 -9.64 13.22 -7.85
N VAL B 12 -8.97 12.09 -7.66
CA VAL B 12 -7.80 11.97 -6.77
C VAL B 12 -6.63 11.41 -7.57
N THR B 13 -5.44 11.94 -7.32
CA THR B 13 -4.20 11.38 -7.82
C THR B 13 -3.43 10.74 -6.67
N GLY B 14 -3.03 9.51 -6.84
CA GLY B 14 -2.11 8.86 -5.94
C GLY B 14 -0.71 8.99 -6.49
N ARG B 15 0.09 9.86 -5.88
CA ARG B 15 1.46 10.07 -6.28
C ARG B 15 2.35 9.06 -5.53
N PRO B 16 3.14 8.27 -6.28
CA PRO B 16 4.08 7.36 -5.58
C PRO B 16 5.17 8.14 -4.85
N SER B 17 5.36 7.84 -3.56
CA SER B 17 6.30 8.55 -2.66
C SER B 17 7.38 7.65 -1.99
N VAL B 18 7.52 6.42 -2.46
CA VAL B 18 8.52 5.47 -1.94
C VAL B 18 9.21 4.79 -3.15
N ASN B 19 8.42 4.03 -3.91
CA ASN B 19 8.90 3.37 -5.13
C ASN B 19 9.14 4.44 -6.20
N GLY B 20 10.44 4.75 -6.31
CA GLY B 20 10.96 5.61 -7.36
C GLY B 20 10.50 5.31 -8.76
N LEU B 21 10.26 4.05 -9.11
CA LEU B 21 9.91 3.75 -10.49
C LEU B 21 8.40 3.76 -10.81
N ALA B 22 7.54 3.86 -9.79
CA ALA B 22 6.08 3.71 -10.03
C ALA B 22 5.51 4.94 -10.64
N LEU B 23 4.57 4.79 -11.59
CA LEU B 23 3.87 5.93 -12.12
C LEU B 23 2.62 6.15 -11.28
N ALA B 24 1.95 7.26 -11.51
CA ALA B 24 0.77 7.63 -10.79
C ALA B 24 -0.47 6.74 -11.08
N GLU B 25 -1.36 6.75 -10.11
CA GLU B 25 -2.66 6.07 -10.17
C GLU B 25 -3.71 7.14 -9.93
N TYR B 26 -4.92 6.94 -10.43
CA TYR B 26 -5.98 7.96 -10.36
C TYR B 26 -7.31 7.33 -10.00
N VAL B 27 -8.16 8.11 -9.33
CA VAL B 27 -9.48 7.68 -8.96
C VAL B 27 -10.52 8.72 -9.35
N ILE B 28 -11.58 8.27 -10.00
CA ILE B 28 -12.74 9.11 -10.29
C ILE B 28 -13.92 8.51 -9.52
N TYR B 29 -14.91 9.34 -9.24
CA TYR B 29 -16.04 8.97 -8.40
C TYR B 29 -17.34 9.03 -9.19
N ARG B 30 -17.22 9.23 -10.50
CA ARG B 30 -18.36 9.28 -11.42
C ARG B 30 -18.00 8.44 -12.64
N GLY B 31 -18.80 7.41 -12.91
CA GLY B 31 -18.64 6.60 -14.12
C GLY B 31 -18.60 7.33 -15.44
N GLU B 32 -19.27 8.46 -15.52
CA GLU B 32 -19.32 9.27 -16.72
C GLU B 32 -18.01 9.99 -17.03
N GLN B 33 -17.07 9.99 -16.09
CA GLN B 33 -15.78 10.64 -16.32
C GLN B 33 -14.73 9.70 -16.92
N ALA B 34 -15.14 8.59 -17.54
CA ALA B 34 -14.21 7.75 -18.28
C ALA B 34 -14.96 7.09 -19.45
N TYR B 35 -14.27 6.89 -20.55
CA TYR B 35 -14.80 6.18 -21.70
C TYR B 35 -13.82 5.08 -22.09
N PRO B 36 -14.31 3.84 -22.23
CA PRO B 36 -13.37 2.76 -22.45
C PRO B 36 -13.02 2.65 -23.93
N GLU B 37 -12.03 3.41 -24.37
CA GLU B 37 -11.75 3.57 -25.80
C GLU B 37 -11.15 2.39 -26.55
N TYR B 38 -10.19 1.70 -25.93
CA TYR B 38 -9.54 0.55 -26.54
C TYR B 38 -9.66 -0.66 -25.62
N LEU B 39 -10.02 -1.78 -26.24
CA LEU B 39 -9.93 -3.12 -25.65
C LEU B 39 -8.70 -3.80 -26.23
N ILE B 40 -7.78 -4.12 -25.33
CA ILE B 40 -6.55 -4.72 -25.70
C ILE B 40 -6.53 -6.14 -25.16
N THR B 41 -6.36 -7.13 -26.04
CA THR B 41 -6.25 -8.53 -25.69
C THR B 41 -4.78 -8.93 -25.83
N TYR B 42 -4.28 -9.62 -24.81
CA TYR B 42 -2.85 -9.88 -24.69
C TYR B 42 -2.55 -11.08 -23.81
N GLN B 43 -1.31 -11.51 -23.89
CA GLN B 43 -0.74 -12.42 -22.91
C GLN B 43 0.47 -11.74 -22.29
N ILE B 44 0.75 -12.05 -21.03
CA ILE B 44 2.05 -11.69 -20.50
C ILE B 44 3.10 -12.69 -21.02
N MET B 45 4.33 -12.22 -21.16
CA MET B 45 5.36 -13.07 -21.66
C MET B 45 6.37 -13.47 -20.58
N ARG B 46 6.64 -14.78 -20.54
CA ARG B 46 7.63 -15.34 -19.63
C ARG B 46 8.99 -14.76 -19.97
N PRO B 47 9.66 -14.12 -18.99
CA PRO B 47 10.99 -13.63 -19.30
C PRO B 47 11.93 -14.79 -19.66
N GLU B 48 13.00 -14.52 -20.39
CA GLU B 48 13.89 -15.60 -20.81
C GLU B 48 14.93 -15.92 -19.74
N GLY C 30 15.59 -8.39 -2.42
CA GLY C 30 15.31 -9.60 -1.61
C GLY C 30 13.89 -9.58 -1.08
N THR C 31 13.37 -8.40 -0.79
CA THR C 31 12.07 -8.31 -0.11
C THR C 31 10.89 -8.29 -1.11
N ILE C 32 9.83 -9.03 -0.82
CA ILE C 32 8.57 -8.80 -1.49
C ILE C 32 7.45 -8.57 -0.46
N LEU C 33 6.49 -7.74 -0.86
CA LEU C 33 5.37 -7.42 -0.05
C LEU C 33 4.12 -8.07 -0.64
N ILE C 34 3.39 -8.78 0.20
CA ILE C 34 2.18 -9.46 -0.22
C ILE C 34 1.01 -8.81 0.46
N ASP C 35 0.10 -8.25 -0.34
CA ASP C 35 -1.12 -7.63 0.18
C ASP C 35 -2.04 -8.61 0.88
N LEU C 36 -2.53 -8.22 2.03
CA LEU C 36 -3.52 -9.02 2.73
C LEU C 36 -4.90 -8.45 2.42
N SER C 37 -5.85 -9.35 2.22
CA SER C 37 -7.22 -8.98 1.94
C SER C 37 -7.88 -8.58 3.23
N PRO C 38 -8.68 -7.51 3.20
CA PRO C 38 -9.40 -7.18 4.40
C PRO C 38 -10.42 -8.26 4.85
N ASP C 39 -10.79 -9.17 3.96
CA ASP C 39 -11.73 -10.25 4.32
C ASP C 39 -11.03 -11.39 5.02
N ASP C 40 -9.71 -11.33 5.00
CA ASP C 40 -8.81 -12.30 5.58
C ASP C 40 -8.71 -12.05 7.10
N LYS C 41 -8.81 -13.11 7.89
CA LYS C 41 -8.69 -13.02 9.34
C LYS C 41 -7.32 -12.50 9.77
N GLU C 42 -6.28 -12.76 8.98
CA GLU C 42 -4.97 -12.23 9.28
C GLU C 42 -4.92 -10.69 9.26
N PHE C 43 -5.52 -10.08 8.24
CA PHE C 43 -5.66 -8.63 8.14
C PHE C 43 -6.44 -8.17 9.35
N GLN C 44 -7.54 -8.85 9.65
CA GLN C 44 -8.45 -8.38 10.68
C GLN C 44 -7.83 -8.43 12.08
N SER C 45 -7.03 -9.45 12.33
CA SER C 45 -6.35 -9.59 13.59
C SER C 45 -5.31 -8.47 13.77
N VAL C 46 -4.61 -8.15 12.69
CA VAL C 46 -3.61 -7.11 12.75
C VAL C 46 -4.27 -5.76 12.94
N GLU C 47 -5.32 -5.49 12.18
CA GLU C 47 -6.06 -4.25 12.40
C GLU C 47 -6.51 -4.14 13.87
N GLU C 48 -7.10 -5.21 14.41
CA GLU C 48 -7.57 -5.16 15.81
C GLU C 48 -6.44 -4.84 16.80
N GLU C 49 -5.26 -5.44 16.60
CA GLU C 49 -4.15 -5.19 17.46
C GLU C 49 -3.75 -3.70 17.36
N MET C 50 -3.78 -3.14 16.15
CA MET C 50 -3.57 -1.69 15.98
C MET C 50 -4.61 -0.84 16.75
N GLN C 51 -5.88 -1.07 16.40
CA GLN C 51 -6.98 -0.23 16.90
C GLN C 51 -7.14 -0.35 18.41
N SER C 52 -6.97 -1.56 18.94
CA SER C 52 -7.25 -1.85 20.34
C SER C 52 -6.16 -1.35 21.26
N THR C 53 -4.97 -0.99 20.73
CA THR C 53 -3.87 -0.53 21.55
C THR C 53 -3.56 0.96 21.40
N VAL C 54 -4.52 1.71 20.87
CA VAL C 54 -4.44 3.15 20.91
C VAL C 54 -4.71 3.58 22.35
N ARG C 55 -4.00 4.58 22.82
CA ARG C 55 -4.28 5.20 24.11
C ARG C 55 -4.07 6.70 24.01
N GLU C 56 -4.43 7.39 25.05
CA GLU C 56 -4.06 8.80 25.22
C GLU C 56 -2.61 8.92 25.59
N HIS C 57 -1.99 10.02 25.19
CA HIS C 57 -0.58 10.24 25.52
C HIS C 57 -0.45 11.51 26.30
N ARG C 58 0.59 11.62 27.11
CA ARG C 58 0.68 12.73 28.08
C ARG C 58 1.09 14.03 27.42
N ASP C 59 1.52 13.97 26.14
CA ASP C 59 1.79 15.19 25.38
C ASP C 59 0.58 15.79 24.71
N GLY C 60 -0.60 15.26 25.02
CA GLY C 60 -1.85 15.75 24.47
C GLY C 60 -1.97 15.60 22.96
N GLY C 61 -1.12 14.77 22.35
CA GLY C 61 -1.11 14.63 20.89
C GLY C 61 0.04 15.33 20.18
N HIS C 62 0.87 16.05 20.93
CA HIS C 62 1.93 16.81 20.32
C HIS C 62 2.79 16.03 19.29
N ALA C 63 3.28 14.88 19.68
CA ALA C 63 4.21 14.11 18.87
C ALA C 63 3.52 13.34 17.76
N GLY C 64 2.44 12.62 18.12
CA GLY C 64 1.73 11.77 17.19
C GLY C 64 0.41 12.23 16.59
N GLY C 65 -0.16 13.31 17.09
CA GLY C 65 -1.46 13.75 16.65
C GLY C 65 -2.60 13.40 17.61
N ILE C 66 -3.77 13.97 17.37
CA ILE C 66 -4.93 13.78 18.24
C ILE C 66 -5.84 12.78 17.54
N PHE C 67 -6.08 11.64 18.17
CA PHE C 67 -6.92 10.60 17.56
C PHE C 67 -7.23 9.49 18.56
N ASN C 68 -8.33 8.78 18.31
CA ASN C 68 -8.73 7.60 19.05
C ASN C 68 -8.65 6.32 18.22
N ARG C 69 -8.52 6.47 16.91
CA ARG C 69 -8.74 5.42 15.96
C ARG C 69 -7.91 5.66 14.70
N TYR C 70 -7.59 4.57 13.98
CA TYR C 70 -6.96 4.67 12.67
C TYR C 70 -7.96 4.31 11.59
N ASN C 71 -7.66 4.81 10.40
CA ASN C 71 -8.19 4.29 9.17
C ASN C 71 -7.11 3.40 8.53
N ILE C 72 -7.30 2.09 8.56
CA ILE C 72 -6.26 1.20 8.05
C ILE C 72 -6.48 1.15 6.52
N LEU C 73 -5.47 1.51 5.74
CA LEU C 73 -5.56 1.51 4.27
C LEU C 73 -5.01 0.24 3.65
N LYS C 74 -4.00 -0.36 4.28
CA LYS C 74 -3.35 -1.52 3.70
C LYS C 74 -2.50 -2.26 4.75
N ILE C 75 -2.43 -3.58 4.60
CA ILE C 75 -1.55 -4.38 5.42
C ILE C 75 -0.86 -5.39 4.52
N GLN C 76 0.47 -5.32 4.50
CA GLN C 76 1.28 -6.21 3.70
C GLN C 76 2.19 -7.11 4.55
N LYS C 77 2.29 -8.36 4.13
CA LYS C 77 3.26 -9.28 4.72
C LYS C 77 4.60 -8.95 4.09
N VAL C 78 5.63 -8.84 4.91
CA VAL C 78 7.00 -8.62 4.44
C VAL C 78 7.76 -9.92 4.34
N CYS C 79 8.20 -10.30 3.14
CA CYS C 79 8.83 -11.60 2.92
C CYS C 79 10.22 -11.43 2.36
N ASN C 80 11.19 -11.95 3.08
CA ASN C 80 12.59 -11.87 2.71
C ASN C 80 13.29 -13.03 3.41
N LYS C 81 13.68 -14.01 2.62
CA LYS C 81 14.21 -15.28 3.11
C LYS C 81 15.48 -15.06 3.91
N LYS C 82 16.34 -14.23 3.37
CA LYS C 82 17.63 -13.97 4.01
C LYS C 82 17.47 -13.25 5.36
N LEU C 83 16.61 -12.24 5.42
CA LEU C 83 16.39 -11.53 6.67
C LEU C 83 15.69 -12.44 7.66
N TRP C 84 14.80 -13.28 7.16
CA TRP C 84 14.08 -14.24 8.01
C TRP C 84 15.08 -15.25 8.63
N GLU C 85 15.97 -15.77 7.80
CA GLU C 85 16.96 -16.73 8.28
C GLU C 85 17.92 -16.09 9.26
N ARG C 86 18.36 -14.85 9.02
CA ARG C 86 19.11 -14.11 10.02
C ARG C 86 18.33 -14.00 11.37
N TYR C 87 17.02 -13.72 11.29
CA TYR C 87 16.19 -13.63 12.49
C TYR C 87 16.11 -14.98 13.22
N THR C 88 15.75 -16.04 12.51
CA THR C 88 15.56 -17.37 13.13
C THR C 88 16.85 -17.99 13.69
N HIS C 89 17.99 -17.62 13.13
CA HIS C 89 19.26 -18.08 13.64
C HIS C 89 19.60 -17.38 14.94
N ARG C 90 19.33 -16.09 15.00
CA ARG C 90 19.51 -15.35 16.23
C ARG C 90 18.49 -15.82 17.30
N ARG C 91 17.24 -16.06 16.91
CA ARG C 91 16.21 -16.53 17.84
C ARG C 91 16.65 -17.85 18.54
N LYS C 92 17.25 -18.76 17.75
CA LYS C 92 17.77 -20.03 18.26
C LYS C 92 18.92 -19.83 19.26
N GLU C 93 19.87 -18.94 18.97
CA GLU C 93 20.92 -18.64 19.97
C GLU C 93 20.28 -18.16 21.25
N VAL C 94 19.41 -17.16 21.13
CA VAL C 94 18.78 -16.58 22.31
C VAL C 94 17.98 -17.63 23.09
N SER C 95 17.15 -18.37 22.37
CA SER C 95 16.30 -19.38 22.95
C SER C 95 17.11 -20.40 23.77
N GLU C 96 18.22 -20.87 23.20
CA GLU C 96 19.13 -21.79 23.93
C GLU C 96 19.79 -21.13 25.14
N GLU C 97 20.30 -19.92 25.00
CA GLU C 97 20.81 -19.20 26.14
C GLU C 97 19.81 -19.00 27.26
N ASN C 98 18.51 -18.93 26.93
CA ASN C 98 17.45 -18.66 27.88
C ASN C 98 16.67 -19.94 28.15
N HIS C 99 17.38 -21.08 28.12
CA HIS C 99 16.84 -22.36 28.53
C HIS C 99 15.59 -22.74 27.76
N ASN C 100 15.75 -22.67 26.43
CA ASN C 100 14.77 -23.04 25.43
CA ASN C 100 14.74 -23.07 25.45
C ASN C 100 13.47 -22.20 25.47
N HIS C 101 13.65 -20.88 25.58
CA HIS C 101 12.53 -19.90 25.61
C HIS C 101 12.94 -18.61 24.89
N ALA C 102 12.51 -18.45 23.64
CA ALA C 102 12.78 -17.25 22.81
C ALA C 102 12.13 -15.99 23.40
N ASN C 103 11.01 -16.18 24.11
CA ASN C 103 10.22 -15.08 24.68
C ASN C 103 9.89 -14.12 23.51
N GLU C 104 9.26 -14.68 22.48
CA GLU C 104 8.97 -13.97 21.24
C GLU C 104 7.62 -13.27 21.29
N ARG C 105 7.61 -12.01 20.88
CA ARG C 105 6.42 -11.16 20.95
C ARG C 105 6.10 -10.55 19.60
N MET C 106 4.87 -10.07 19.41
CA MET C 106 4.61 -9.19 18.26
C MET C 106 4.43 -7.76 18.78
N LEU C 107 5.23 -6.84 18.24
CA LEU C 107 5.30 -5.48 18.76
C LEU C 107 5.40 -4.48 17.61
N PHE C 108 4.96 -3.24 17.87
CA PHE C 108 4.95 -2.16 16.87
C PHE C 108 6.28 -1.42 16.82
N HIS C 109 6.62 -0.90 15.63
CA HIS C 109 7.79 -0.01 15.43
C HIS C 109 7.43 1.04 14.42
N GLY C 110 7.60 2.30 14.80
CA GLY C 110 7.37 3.42 13.89
C GLY C 110 8.69 4.12 13.67
N SER C 111 9.02 4.43 12.43
CA SER C 111 10.30 5.02 12.11
C SER C 111 10.31 5.69 10.74
N PRO C 112 11.02 6.83 10.63
CA PRO C 112 11.31 7.34 9.29
C PRO C 112 12.04 6.36 8.37
N PHE C 113 12.78 5.41 8.94
CA PHE C 113 13.57 4.50 8.12
C PHE C 113 12.83 3.22 7.73
N VAL C 114 11.50 3.19 7.86
CA VAL C 114 10.70 1.99 7.52
C VAL C 114 11.08 1.42 6.17
N ASN C 115 11.33 2.28 5.21
CA ASN C 115 11.62 1.80 3.90
C ASN C 115 12.93 1.05 3.88
N ALA C 116 13.93 1.55 4.58
CA ALA C 116 15.18 0.81 4.71
C ALA C 116 14.99 -0.51 5.49
N ILE C 117 14.20 -0.47 6.57
CA ILE C 117 14.06 -1.65 7.43
C ILE C 117 13.51 -2.86 6.67
N ILE C 118 12.47 -2.65 5.90
CA ILE C 118 11.86 -3.80 5.20
C ILE C 118 12.79 -4.43 4.13
N HIS C 119 13.76 -3.66 3.64
CA HIS C 119 14.64 -4.16 2.60
C HIS C 119 15.94 -4.69 3.11
N LYS C 120 16.49 -4.03 4.14
CA LYS C 120 17.79 -4.40 4.66
C LYS C 120 17.78 -4.89 6.10
N GLY C 121 16.63 -4.83 6.77
CA GLY C 121 16.53 -5.32 8.18
C GLY C 121 16.82 -4.24 9.18
N PHE C 122 16.65 -4.54 10.47
CA PHE C 122 17.04 -3.60 11.53
C PHE C 122 18.55 -3.63 11.70
N ASP C 123 19.18 -2.51 12.03
CA ASP C 123 20.56 -2.49 12.51
C ASP C 123 20.89 -1.23 13.32
N GLU C 124 22.13 -1.14 13.79
CA GLU C 124 22.60 0.00 14.59
C GLU C 124 22.06 1.37 14.13
N ARG C 125 21.81 1.55 12.83
CA ARG C 125 21.25 2.80 12.31
C ARG C 125 19.84 3.14 12.81
N HIS C 126 19.09 2.12 13.22
CA HIS C 126 17.68 2.28 13.65
C HIS C 126 17.55 2.36 15.17
N ALA C 127 18.70 2.51 15.85
CA ALA C 127 18.79 2.61 17.30
C ALA C 127 18.43 4.01 17.75
N TYR C 128 17.90 4.08 18.96
CA TYR C 128 17.46 5.33 19.56
C TYR C 128 18.54 5.68 20.54
N ILE C 129 19.46 6.53 20.10
CA ILE C 129 20.69 6.80 20.85
C ILE C 129 20.33 7.39 22.21
N GLY C 130 19.36 8.30 22.21
CA GLY C 130 18.95 8.95 23.45
C GLY C 130 17.89 8.25 24.27
N GLY C 131 17.49 7.04 23.90
CA GLY C 131 16.37 6.40 24.60
C GLY C 131 16.64 6.21 26.09
N MET C 132 15.58 6.28 26.89
CA MET C 132 15.64 6.05 28.34
C MET C 132 16.22 4.69 28.80
N PHE C 133 16.22 3.67 27.95
CA PHE C 133 16.82 2.39 28.34
C PHE C 133 18.06 2.08 27.55
N GLY C 134 18.76 3.13 27.15
CA GLY C 134 20.01 2.98 26.44
C GLY C 134 19.78 2.93 24.95
N ALA C 135 20.91 2.93 24.24
CA ALA C 135 20.93 3.04 22.79
C ALA C 135 20.67 1.70 22.10
N GLY C 136 19.40 1.40 21.88
CA GLY C 136 18.99 0.15 21.26
C GLY C 136 17.77 0.42 20.40
N ILE C 137 17.18 -0.64 19.88
CA ILE C 137 16.03 -0.52 19.00
C ILE C 137 14.76 -0.72 19.80
N TYR C 138 13.86 0.26 19.72
CA TYR C 138 12.66 0.33 20.55
C TYR C 138 11.41 -0.18 19.84
N PHE C 139 10.56 -0.86 20.61
CA PHE C 139 9.30 -1.38 20.17
C PHE C 139 8.22 -1.09 21.22
N ALA C 140 6.97 -0.97 20.76
CA ALA C 140 5.84 -0.72 21.67
C ALA C 140 4.71 -1.75 21.58
N GLU C 141 4.09 -2.02 22.72
CA GLU C 141 2.78 -2.68 22.78
C GLU C 141 1.66 -1.71 22.36
N ASN C 142 1.81 -0.42 22.69
CA ASN C 142 0.87 0.57 22.21
C ASN C 142 1.21 1.00 20.78
N SER C 143 0.36 0.66 19.83
CA SER C 143 0.43 1.17 18.46
C SER C 143 0.61 2.70 18.42
N SER C 144 -0.15 3.40 19.27
CA SER C 144 -0.12 4.86 19.32
C SER C 144 1.24 5.38 19.81
N LYS C 145 1.98 4.58 20.57
CA LYS C 145 3.32 5.00 21.00
C LYS C 145 4.28 5.01 19.81
N SER C 146 4.31 3.89 19.08
CA SER C 146 5.07 3.79 17.85
C SER C 146 4.65 4.88 16.87
N ASN C 147 3.36 5.19 16.78
CA ASN C 147 2.90 6.26 15.90
C ASN C 147 3.59 7.61 16.21
N GLN C 148 3.99 7.83 17.45
CA GLN C 148 4.73 9.06 17.79
C GLN C 148 6.10 9.22 17.10
N TYR C 149 6.67 8.14 16.55
CA TYR C 149 8.00 8.16 15.91
C TYR C 149 7.99 8.04 14.38
N VAL C 150 6.82 7.87 13.79
CA VAL C 150 6.69 7.66 12.34
C VAL C 150 7.33 8.81 11.59
N TYR C 151 7.15 10.04 12.07
CA TYR C 151 7.90 11.15 11.48
C TYR C 151 9.17 11.56 12.25
N GLY C 152 9.70 10.66 13.08
CA GLY C 152 10.97 10.90 13.77
C GLY C 152 10.77 11.11 15.26
N ILE C 153 11.87 11.31 16.00
CA ILE C 153 11.79 11.52 17.44
C ILE C 153 10.90 12.72 17.75
N GLY C 154 9.96 12.58 18.67
CA GLY C 154 9.10 13.70 19.01
C GLY C 154 8.11 14.02 17.90
N GLY C 155 7.98 13.14 16.90
CA GLY C 155 7.19 13.42 15.73
C GLY C 155 7.86 14.29 14.69
N GLY C 156 9.14 14.62 14.92
CA GLY C 156 9.90 15.56 14.10
C GLY C 156 9.07 16.76 13.77
N THR C 157 8.96 17.08 12.48
CA THR C 157 8.17 18.23 12.03
C THR C 157 6.86 17.79 11.35
N GLY C 158 6.43 16.56 11.64
CA GLY C 158 5.17 16.03 11.13
C GLY C 158 5.25 15.64 9.67
N CYS C 159 4.13 15.59 8.97
CA CYS C 159 4.16 15.01 7.65
C CYS C 159 5.02 15.86 6.72
N PRO C 160 5.58 15.23 5.68
CA PRO C 160 6.41 16.04 4.77
C PRO C 160 5.62 17.12 4.05
N VAL C 161 4.37 16.84 3.67
CA VAL C 161 3.58 17.78 2.86
C VAL C 161 3.04 18.97 3.66
N HIS C 162 2.52 18.72 4.86
CA HIS C 162 1.88 19.81 5.60
C HIS C 162 2.66 20.28 6.82
N LYS C 163 3.72 19.55 7.15
CA LYS C 163 4.44 19.78 8.39
C LYS C 163 3.49 19.73 9.57
N ASP C 164 2.62 18.73 9.58
CA ASP C 164 1.64 18.62 10.62
C ASP C 164 1.79 17.23 11.27
N ARG C 165 2.15 17.21 12.56
CA ARG C 165 2.25 15.97 13.32
C ARG C 165 0.91 15.32 13.56
N SER C 166 -0.14 16.13 13.49
CA SER C 166 -1.50 15.63 13.61
C SER C 166 -2.22 15.53 12.25
N CYS C 167 -1.47 15.37 11.16
CA CYS C 167 -2.09 15.36 9.83
C CYS C 167 -3.04 14.17 9.69
N TYR C 168 -4.25 14.44 9.17
CA TYR C 168 -5.31 13.44 8.93
C TYR C 168 -5.43 13.01 7.45
N ILE C 169 -4.60 13.58 6.58
CA ILE C 169 -4.64 13.41 5.15
C ILE C 169 -3.57 12.45 4.72
N CYS C 170 -2.33 12.69 5.15
CA CYS C 170 -1.19 11.90 4.67
C CYS C 170 -1.12 10.48 5.24
N HIS C 171 -0.70 9.57 4.37
CA HIS C 171 -0.56 8.17 4.67
C HIS C 171 0.66 7.92 5.54
N ARG C 172 0.46 7.24 6.67
CA ARG C 172 1.54 6.79 7.53
C ARG C 172 1.77 5.32 7.39
N GLN C 173 2.97 4.88 7.77
CA GLN C 173 3.29 3.45 7.84
C GLN C 173 3.93 3.08 9.18
N LEU C 174 3.51 1.94 9.75
CA LEU C 174 4.12 1.33 10.95
C LEU C 174 4.44 -0.12 10.62
N LEU C 175 5.35 -0.69 11.40
CA LEU C 175 5.68 -2.10 11.31
C LEU C 175 5.10 -2.79 12.53
N PHE C 176 4.63 -4.00 12.29
CA PHE C 176 4.26 -4.89 13.37
C PHE C 176 5.22 -6.07 13.18
N CYS C 177 6.06 -6.26 14.19
CA CYS C 177 7.27 -7.02 14.09
C CYS C 177 7.33 -8.19 15.04
N ARG C 178 7.97 -9.25 14.60
CA ARG C 178 8.30 -10.33 15.49
C ARG C 178 9.60 -9.97 16.22
N VAL C 179 9.59 -10.03 17.57
CA VAL C 179 10.71 -9.56 18.42
C VAL C 179 11.07 -10.65 19.43
N THR C 180 12.32 -11.13 19.39
CA THR C 180 12.82 -12.08 20.38
C THR C 180 13.40 -11.36 21.58
N LEU C 181 12.74 -11.48 22.72
CA LEU C 181 13.19 -10.75 23.93
C LEU C 181 14.20 -11.55 24.76
N GLY C 182 14.11 -12.86 24.71
CA GLY C 182 14.87 -13.75 25.57
C GLY C 182 14.68 -13.38 27.04
N LYS C 183 15.77 -13.45 27.80
CA LYS C 183 15.76 -12.99 29.15
C LYS C 183 15.72 -11.48 29.12
N SER C 184 14.60 -10.90 29.53
CA SER C 184 14.41 -9.44 29.46
C SER C 184 14.60 -8.84 30.83
N PHE C 185 15.36 -7.75 30.91
CA PHE C 185 15.61 -7.02 32.16
C PHE C 185 14.44 -6.09 32.41
N LEU C 186 13.81 -6.24 33.57
CA LEU C 186 12.62 -5.49 33.88
C LEU C 186 13.01 -4.14 34.47
N GLN C 187 12.70 -3.06 33.77
CA GLN C 187 13.00 -1.73 34.22
C GLN C 187 11.71 -0.96 34.42
N PHE C 188 11.30 -0.72 35.66
CA PHE C 188 10.14 0.16 35.86
C PHE C 188 10.56 1.56 35.50
N SER C 189 9.64 2.28 34.89
CA SER C 189 9.90 3.62 34.41
C SER C 189 8.85 4.52 34.93
N ALA C 190 9.25 5.73 35.29
CA ALA C 190 8.36 6.69 35.93
C ALA C 190 7.31 7.29 34.98
N MET C 191 7.29 6.85 33.72
CA MET C 191 6.24 7.23 32.77
C MET C 191 4.88 6.61 33.16
N MET D 2 25.40 1.50 18.99
CA MET D 2 24.39 0.65 19.73
C MET D 2 24.97 0.02 21.03
N ALA D 3 24.22 0.15 22.13
CA ALA D 3 24.66 -0.32 23.44
C ALA D 3 24.55 -1.83 23.54
N HIS D 4 25.12 -2.39 24.60
CA HIS D 4 25.05 -3.82 24.81
C HIS D 4 23.88 -4.07 25.72
N SER D 5 23.45 -5.33 25.69
CA SER D 5 22.38 -5.77 26.57
C SER D 5 22.91 -5.78 28.00
N PRO D 6 22.01 -5.60 28.97
CA PRO D 6 22.46 -5.81 30.35
C PRO D 6 23.04 -7.23 30.49
N PRO D 7 24.09 -7.40 31.30
CA PRO D 7 24.72 -8.71 31.52
C PRO D 7 23.73 -9.87 31.72
N GLY D 8 23.88 -10.91 30.90
CA GLY D 8 23.01 -12.07 30.98
C GLY D 8 21.55 -11.80 30.63
N HIS D 9 21.28 -10.70 29.91
CA HIS D 9 19.92 -10.42 29.39
C HIS D 9 20.00 -10.12 27.93
N HIS D 10 18.90 -10.33 27.21
CA HIS D 10 18.85 -10.16 25.76
C HIS D 10 18.02 -8.94 25.32
N SER D 11 17.40 -8.28 26.28
CA SER D 11 16.48 -7.18 26.01
C SER D 11 16.15 -6.46 27.31
N VAL D 12 15.46 -5.32 27.18
CA VAL D 12 14.97 -4.56 28.31
C VAL D 12 13.48 -4.36 28.13
N THR D 13 12.71 -4.56 29.21
CA THR D 13 11.28 -4.29 29.23
C THR D 13 11.16 -3.03 30.02
N GLY D 14 10.78 -1.96 29.32
CA GLY D 14 10.44 -0.71 29.97
C GLY D 14 8.97 -0.73 30.32
N ARG D 15 8.66 -0.72 31.61
CA ARG D 15 7.29 -0.84 32.07
C ARG D 15 6.81 0.43 32.78
N PRO D 16 5.82 1.12 32.20
CA PRO D 16 5.38 2.33 32.89
C PRO D 16 4.75 2.03 34.23
N SER D 17 5.12 2.79 35.26
CA SER D 17 4.64 2.60 36.62
C SER D 17 3.65 3.69 37.10
N VAL D 18 3.55 4.80 36.37
CA VAL D 18 2.65 5.86 36.77
C VAL D 18 1.36 5.80 35.99
N ASN D 19 1.47 5.90 34.66
CA ASN D 19 0.27 5.77 33.84
C ASN D 19 -0.23 4.32 33.76
N GLY D 20 -1.28 4.02 34.51
CA GLY D 20 -1.82 2.67 34.60
C GLY D 20 -2.30 2.09 33.28
N LEU D 21 -2.59 2.94 32.29
CA LEU D 21 -3.12 2.47 31.00
C LEU D 21 -2.05 2.42 29.91
N ALA D 22 -0.83 2.82 30.26
CA ALA D 22 0.28 2.73 29.30
C ALA D 22 0.87 1.33 29.27
N LEU D 23 1.02 0.79 28.07
CA LEU D 23 1.58 -0.56 27.97
C LEU D 23 3.10 -0.51 27.92
N ALA D 24 3.73 -1.67 27.88
CA ALA D 24 5.18 -1.74 27.95
C ALA D 24 5.88 -1.39 26.63
N GLU D 25 7.15 -1.02 26.76
CA GLU D 25 8.05 -0.70 25.64
C GLU D 25 9.23 -1.63 25.80
N TYR D 26 9.84 -2.03 24.70
CA TYR D 26 10.91 -3.01 24.74
C TYR D 26 12.09 -2.54 23.91
N VAL D 27 13.29 -2.94 24.35
CA VAL D 27 14.54 -2.54 23.68
C VAL D 27 15.36 -3.78 23.40
N ILE D 28 15.77 -3.90 22.14
CA ILE D 28 16.77 -4.92 21.78
C ILE D 28 18.04 -4.23 21.33
N TYR D 29 19.14 -4.94 21.48
CA TYR D 29 20.46 -4.39 21.17
C TYR D 29 21.13 -5.09 20.01
N ARG D 30 20.38 -5.96 19.34
CA ARG D 30 20.85 -6.64 18.13
C ARG D 30 19.73 -6.57 17.10
N GLY D 31 20.00 -6.04 15.92
CA GLY D 31 18.97 -5.94 14.86
C GLY D 31 18.40 -7.27 14.35
N GLU D 32 19.18 -8.34 14.48
CA GLU D 32 18.75 -9.68 14.12
C GLU D 32 17.69 -10.26 15.07
N GLN D 33 17.44 -9.60 16.19
CA GLN D 33 16.39 -10.02 17.13
C GLN D 33 15.01 -9.48 16.79
N ALA D 34 14.86 -8.81 15.64
CA ALA D 34 13.55 -8.44 15.19
C ALA D 34 13.33 -8.69 13.70
N TYR D 35 12.12 -9.09 13.32
CA TYR D 35 11.76 -9.23 11.94
C TYR D 35 10.50 -8.39 11.65
N PRO D 36 10.58 -7.48 10.66
CA PRO D 36 9.49 -6.61 10.28
C PRO D 36 8.43 -7.36 9.51
N GLU D 37 7.57 -8.09 10.20
CA GLU D 37 6.69 -9.04 9.53
C GLU D 37 5.56 -8.41 8.73
N TYR D 38 4.91 -7.37 9.26
CA TYR D 38 3.80 -6.72 8.58
C TYR D 38 4.08 -5.25 8.43
N LEU D 39 3.79 -4.74 7.24
CA LEU D 39 3.84 -3.29 6.97
C LEU D 39 2.40 -2.78 6.86
N ILE D 40 2.05 -1.79 7.69
CA ILE D 40 0.70 -1.28 7.82
C ILE D 40 0.63 0.18 7.37
N THR D 41 -0.25 0.47 6.41
CA THR D 41 -0.44 1.82 5.87
C THR D 41 -1.78 2.34 6.37
N TYR D 42 -1.79 3.56 6.90
CA TYR D 42 -2.91 4.05 7.69
C TYR D 42 -2.92 5.57 7.77
N GLN D 43 -4.06 6.12 8.13
CA GLN D 43 -4.19 7.51 8.54
C GLN D 43 -4.69 7.48 9.97
N ILE D 44 -4.31 8.46 10.78
CA ILE D 44 -4.98 8.67 12.07
C ILE D 44 -6.28 9.37 11.72
N MET D 45 -7.33 9.14 12.50
CA MET D 45 -8.64 9.73 12.27
C MET D 45 -8.98 10.90 13.24
N ARG D 46 -9.53 11.99 12.70
CA ARG D 46 -9.97 13.13 13.51
C ARG D 46 -11.15 12.72 14.40
N PRO D 47 -11.07 12.88 15.74
CA PRO D 47 -12.25 12.54 16.56
C PRO D 47 -13.49 13.37 16.16
N GLU D 48 -14.69 12.85 16.45
CA GLU D 48 -15.95 13.59 16.22
C GLU D 48 -16.71 13.73 17.50
ZN ZN E . -4.41 -19.89 -17.66
S SO4 F . 3.36 -2.33 -6.39
S SO4 F . 3.26 -1.93 -6.45
O1 SO4 F . 3.39 -3.82 -6.31
O1 SO4 F . 2.24 -2.55 -7.35
O2 SO4 F . 3.04 -1.71 -5.08
O2 SO4 F . 3.07 -2.40 -5.06
O3 SO4 F . 4.67 -1.79 -6.82
O3 SO4 F . 4.62 -2.36 -6.86
O4 SO4 F . 2.29 -1.92 -7.34
O4 SO4 F . 3.14 -0.46 -6.52
S SO4 G . 12.05 -10.67 -21.69
O1 SO4 G . 10.71 -10.92 -22.26
O2 SO4 G . 11.82 -10.30 -20.29
O3 SO4 G . 12.92 -11.89 -21.70
O4 SO4 G . 12.69 -9.54 -22.39
NAB F70 H . -14.63 -3.51 -4.41
CAC F70 H . -14.78 -4.02 -5.39
CAD F70 H . -14.86 -4.60 -6.75
OAE F70 H . -13.50 -4.43 -7.19
CAF F70 H . -13.18 -4.66 -8.47
OAG F70 H . -13.71 -5.58 -9.12
CAH F70 H . -12.05 -3.92 -8.94
CAK F70 H . -11.80 -3.80 -10.30
CAL F70 H . -10.67 -3.11 -10.77
CAI F70 H . -11.13 -3.31 -8.07
CAJ F70 H . -10.00 -2.60 -8.53
CAM F70 H . -9.75 -2.48 -9.90
CAN F70 H . -8.62 -1.74 -10.38
OAO F70 H . -7.80 -1.21 -9.45
CAP F70 H . -6.73 -0.45 -9.73
CAQ F70 H . -6.01 0.13 -8.68
CAR F70 H . -4.92 0.96 -8.97
CAS F70 H . -4.59 1.15 -10.33
CAT F70 H . -5.31 0.57 -11.36
CAU F70 H . -6.38 -0.27 -11.07
CAV F70 H . -7.15 -0.89 -12.08
OAW F70 H . -6.83 -0.88 -13.28
CAX F70 H . -8.26 -1.62 -11.72
C1 PEG I . -18.26 6.56 -30.68
O1 PEG I . -19.20 6.43 -31.76
C2 PEG I . -16.87 6.92 -31.21
O2 PEG I . -15.97 7.13 -30.12
C3 PEG I . -14.61 6.82 -30.42
C4 PEG I . -13.70 7.56 -29.45
O4 PEG I . -13.38 8.87 -29.96
C1 GOL J . 9.23 9.16 -4.73
O1 GOL J . 8.56 8.00 -5.25
C2 GOL J . 10.37 9.57 -5.65
O2 GOL J . 10.92 10.83 -5.26
C3 GOL J . 11.49 8.55 -5.58
O3 GOL J . 11.18 7.54 -4.64
ZN ZN K . 0.07 15.81 5.66
S SO4 L . 3.35 9.17 26.80
O1 SO4 L . 3.77 7.89 27.39
O2 SO4 L . 1.92 9.40 27.15
O3 SO4 L . 4.20 10.17 27.40
O4 SO4 L . 3.56 8.85 25.38
S SO4 M . -13.89 9.00 17.35
O1 SO4 M . -14.49 7.66 17.30
O2 SO4 M . -13.39 9.19 18.72
O3 SO4 M . -14.84 10.11 17.10
O4 SO4 M . -12.77 8.99 16.35
NAB F70 N . 19.19 8.29 17.48
CAC F70 N . 18.48 8.21 16.63
CAD F70 N . 17.55 8.14 15.53
OAE F70 N . 16.58 7.18 16.00
CAF F70 N . 15.44 7.05 15.30
OAG F70 N . 15.32 7.43 14.13
CAH F70 N . 14.38 6.41 16.01
CAK F70 N . 14.21 6.58 17.39
CAL F70 N . 13.14 5.97 18.06
CAI F70 N . 13.46 5.63 15.33
CAJ F70 N . 12.40 5.00 15.99
CAM F70 N . 12.24 5.17 17.37
CAN F70 N . 11.20 4.54 18.08
OAO F70 N . 11.22 4.78 19.43
CAP F70 N . 10.33 4.16 20.21
CAQ F70 N . 10.37 4.36 21.57
CAR F70 N . 9.47 3.70 22.41
CAS F70 N . 8.53 2.83 21.86
CAT F70 N . 8.49 2.65 20.49
CAU F70 N . 9.36 3.30 19.62
CAV F70 N . 9.32 3.09 18.24
OAW F70 N . 8.43 2.41 17.67
CAX F70 N . 10.26 3.70 17.46
C1 PEG O . 7.06 -16.16 8.94
O1 PEG O . 6.13 -16.41 10.00
C2 PEG O . 6.59 -14.96 8.14
O2 PEG O . 7.72 -14.27 7.59
C3 PEG O . 7.94 -14.45 6.17
C4 PEG O . 9.43 -14.70 5.91
O4 PEG O . 9.75 -14.76 4.52
#